data_4Q2P
#
_entry.id   4Q2P
#
_cell.length_a   153.310
_cell.length_b   153.310
_cell.length_c   34.635
_cell.angle_alpha   90.000
_cell.angle_beta   90.000
_cell.angle_gamma   120.000
#
_symmetry.space_group_name_H-M   'H 3'
#
loop_
_entity.id
_entity.type
_entity.pdbx_description
1 polymer 'Na(+)/H(+) exchange regulatory cofactor NHE-RF3'
2 non-polymer 2-AMINO-2-HYDROXYMETHYL-PROPANE-1,3-DIOL
3 non-polymer 1,2-ETHANEDIOL
4 water water
#
_entity_poly.entity_id   1
_entity_poly.type   'polypeptide(L)'
_entity_poly.pdbx_seq_one_letter_code
;GSHMQPRLCYLVKEGGSYGFSLKTVQGKKGVYMTDITPQGVAMRAGVLADDHLIEVNGENVEDASHEEVVEKVKKSGSRV
MFLLVDKEAAGGGIKITKF
;
_entity_poly.pdbx_strand_id   A,B,C
#
# COMPACT_ATOMS: atom_id res chain seq x y z
N SER A 2 7.78 14.96 3.54
CA SER A 2 8.64 13.75 3.52
C SER A 2 9.80 13.81 4.51
N HIS A 3 9.78 14.76 5.44
CA HIS A 3 10.99 15.19 6.12
C HIS A 3 11.49 14.21 7.24
N MET A 4 12.82 14.18 7.36
CA MET A 4 13.51 13.56 8.44
C MET A 4 13.71 14.58 9.61
N GLN A 5 12.78 15.52 9.74
CA GLN A 5 12.66 16.38 10.90
C GLN A 5 11.28 16.18 11.52
N PRO A 6 11.24 15.46 12.64
CA PRO A 6 9.96 15.17 13.25
C PRO A 6 9.20 16.42 13.71
N ARG A 7 7.88 16.29 13.86
CA ARG A 7 7.06 17.31 14.49
C ARG A 7 6.76 16.99 15.95
N LEU A 8 6.86 18.02 16.80
CA LEU A 8 6.27 18.04 18.14
C LEU A 8 4.87 18.72 18.10
N CYS A 9 3.86 17.96 18.50
CA CYS A 9 2.45 18.39 18.46
C CYS A 9 1.84 18.19 19.81
N TYR A 10 1.31 19.29 20.33
CA TYR A 10 0.74 19.38 21.65
C TYR A 10 -0.76 19.58 21.44
N LEU A 11 -1.53 18.62 21.90
CA LEU A 11 -2.97 18.63 21.72
C LEU A 11 -3.69 18.77 23.06
N VAL A 12 -4.69 19.64 23.08
CA VAL A 12 -5.57 19.83 24.23
C VAL A 12 -6.95 19.40 23.72
N LYS A 13 -7.56 18.43 24.42
CA LYS A 13 -8.83 17.87 24.04
C LYS A 13 -9.89 18.97 24.12
N GLU A 14 -10.72 19.03 23.08
CA GLU A 14 -11.82 19.99 23.01
C GLU A 14 -13.03 19.34 22.35
N GLY A 15 -14.20 19.72 22.84
CA GLY A 15 -15.45 19.10 22.45
C GLY A 15 -15.46 17.58 22.56
N GLY A 16 -14.70 17.06 23.56
CA GLY A 16 -14.77 15.63 23.88
C GLY A 16 -13.93 14.77 22.97
N SER A 17 -13.15 15.39 22.08
CA SER A 17 -12.32 14.63 21.12
C SER A 17 -11.02 15.33 20.67
N TYR A 18 -9.97 14.55 20.54
CA TYR A 18 -8.71 14.99 19.95
C TYR A 18 -8.67 15.07 18.42
N GLY A 19 -9.64 14.46 17.74
CA GLY A 19 -9.71 14.58 16.28
C GLY A 19 -8.68 13.78 15.51
N PHE A 20 -8.29 12.64 16.08
CA PHE A 20 -7.43 11.63 15.45
C PHE A 20 -7.83 10.21 15.84
N SER A 21 -7.44 9.26 15.01
CA SER A 21 -7.51 7.87 15.40
C SER A 21 -6.14 7.26 15.28
N LEU A 22 -5.88 6.20 16.03
CA LEU A 22 -4.60 5.47 15.87
C LEU A 22 -4.84 4.16 15.20
N LYS A 23 -4.01 3.83 14.22
CA LYS A 23 -4.08 2.55 13.56
C LYS A 23 -2.77 1.81 13.51
N THR A 24 -2.89 0.51 13.27
CA THR A 24 -1.80 -0.28 12.73
C THR A 24 -1.92 -0.41 11.19
N VAL A 25 -0.78 -0.77 10.57
CA VAL A 25 -0.61 -0.96 9.12
C VAL A 25 0.06 -2.34 8.94
N GLN A 26 -0.44 -3.16 8.02
CA GLN A 26 0.10 -4.53 7.78
C GLN A 26 1.63 -4.56 7.64
N GLY A 27 2.28 -5.48 8.37
CA GLY A 27 3.73 -5.65 8.29
C GLY A 27 4.55 -4.41 8.62
N LYS A 28 3.99 -3.49 9.41
CA LYS A 28 4.71 -2.31 9.91
C LYS A 28 4.67 -2.29 11.44
N LYS A 29 5.77 -1.83 12.03
CA LYS A 29 5.89 -1.65 13.48
C LYS A 29 5.25 -0.37 14.02
N GLY A 30 4.84 -0.44 15.27
CA GLY A 30 4.22 0.68 15.95
C GLY A 30 2.87 1.10 15.40
N VAL A 31 2.58 2.38 15.62
CA VAL A 31 1.27 2.89 15.27
CA VAL A 31 1.27 2.97 15.44
C VAL A 31 1.33 4.19 14.53
N TYR A 32 0.21 4.50 13.89
CA TYR A 32 0.10 5.54 12.91
C TYR A 32 -1.17 6.38 13.13
N MET A 33 -1.11 7.67 12.81
CA MET A 33 -2.30 8.51 12.79
C MET A 33 -3.17 8.24 11.57
N THR A 34 -4.48 8.38 11.77
CA THR A 34 -5.45 8.25 10.71
C THR A 34 -6.73 8.98 11.15
N ASP A 35 -7.60 9.23 10.19
CA ASP A 35 -8.90 9.89 10.46
C ASP A 35 -8.76 11.23 11.18
N ILE A 36 -7.89 12.07 10.65
CA ILE A 36 -7.66 13.40 11.16
C ILE A 36 -8.86 14.26 10.76
N THR A 37 -9.72 14.54 11.73
CA THR A 37 -10.98 15.22 11.46
C THR A 37 -10.73 16.70 11.05
N PRO A 38 -11.36 17.17 9.96
CA PRO A 38 -11.10 18.57 9.55
C PRO A 38 -11.42 19.55 10.68
N GLN A 39 -10.52 20.51 10.92
CA GLN A 39 -10.71 21.52 11.99
C GLN A 39 -10.61 20.94 13.43
N GLY A 40 -10.28 19.66 13.59
CA GLY A 40 -10.21 19.05 14.92
C GLY A 40 -8.90 19.44 15.61
N VAL A 41 -8.75 19.05 16.86
CA VAL A 41 -7.57 19.42 17.67
C VAL A 41 -6.26 18.99 16.99
N ALA A 42 -6.21 17.72 16.57
CA ALA A 42 -5.04 17.16 15.93
C ALA A 42 -4.67 17.91 14.64
N MET A 43 -5.65 18.14 13.78
CA MET A 43 -5.30 18.82 12.53
C MET A 43 -4.73 20.22 12.84
N ARG A 44 -5.37 20.89 13.80
CA ARG A 44 -4.95 22.23 14.22
C ARG A 44 -3.57 22.27 14.87
N ALA A 45 -3.17 21.16 15.48
CA ALA A 45 -1.89 21.03 16.14
C ALA A 45 -0.77 20.61 15.15
N GLY A 46 -1.11 20.38 13.89
CA GLY A 46 -0.14 19.97 12.85
C GLY A 46 -0.02 18.47 12.62
N VAL A 47 -0.97 17.69 13.10
CA VAL A 47 -0.90 16.23 12.91
C VAL A 47 -1.32 15.87 11.47
N LEU A 48 -0.66 14.89 10.87
CA LEU A 48 -0.97 14.50 9.49
C LEU A 48 -1.36 13.04 9.40
N ALA A 49 -2.26 12.72 8.47
CA ALA A 49 -2.68 11.34 8.22
C ALA A 49 -1.45 10.51 7.93
N ASP A 50 -1.47 9.27 8.41
CA ASP A 50 -0.36 8.33 8.24
C ASP A 50 0.96 8.76 8.88
N ASP A 51 0.94 9.82 9.71
CA ASP A 51 2.07 10.09 10.61
C ASP A 51 2.34 8.85 11.45
N HIS A 52 3.61 8.64 11.76
CA HIS A 52 4.07 7.53 12.57
C HIS A 52 4.46 8.09 13.95
N LEU A 53 3.91 7.51 15.01
CA LEU A 53 4.22 7.96 16.38
C LEU A 53 5.60 7.43 16.80
N ILE A 54 6.47 8.34 17.19
CA ILE A 54 7.76 7.99 17.74
C ILE A 54 7.70 8.06 19.26
N GLU A 55 7.12 9.13 19.81
CA GLU A 55 7.01 9.31 21.25
C GLU A 55 5.62 9.83 21.64
N VAL A 56 5.18 9.42 22.84
CA VAL A 56 3.98 10.00 23.46
C VAL A 56 4.42 10.53 24.78
N ASN A 57 4.31 11.84 24.97
CA ASN A 57 4.78 12.51 26.19
C ASN A 57 6.22 12.17 26.56
N GLY A 58 7.10 12.13 25.55
CA GLY A 58 8.49 11.89 25.80
C GLY A 58 8.89 10.43 25.89
N GLU A 59 7.91 9.53 25.90
CA GLU A 59 8.16 8.09 25.96
C GLU A 59 8.15 7.43 24.56
N ASN A 60 9.24 6.73 24.21
CA ASN A 60 9.32 6.07 22.91
C ASN A 60 8.21 4.99 22.75
N VAL A 61 7.52 5.01 21.63
CA VAL A 61 6.49 4.03 21.30
C VAL A 61 6.73 3.37 19.93
N GLU A 62 7.96 3.44 19.43
CA GLU A 62 8.23 2.91 18.08
C GLU A 62 7.99 1.40 18.00
N ASP A 63 8.35 0.69 19.10
CA ASP A 63 8.23 -0.75 19.23
C ASP A 63 6.99 -1.18 20.07
N ALA A 64 6.08 -0.27 20.35
CA ALA A 64 4.91 -0.57 21.19
C ALA A 64 3.73 -1.14 20.39
N SER A 65 2.95 -1.98 21.08
CA SER A 65 1.68 -2.46 20.54
C SER A 65 0.63 -1.35 20.46
N HIS A 66 -0.35 -1.59 19.60
CA HIS A 66 -1.46 -0.70 19.45
C HIS A 66 -2.12 -0.42 20.81
N GLU A 67 -2.39 -1.48 21.56
CA GLU A 67 -2.99 -1.38 22.90
C GLU A 67 -2.14 -0.55 23.89
N GLU A 68 -0.83 -0.81 23.96
CA GLU A 68 0.09 -0.01 24.80
C GLU A 68 -0.05 1.45 24.49
N VAL A 69 0.01 1.83 23.22
CA VAL A 69 -0.09 3.25 22.86
C VAL A 69 -1.46 3.87 23.22
N VAL A 70 -2.52 3.10 23.02
CA VAL A 70 -3.84 3.56 23.41
C VAL A 70 -3.85 3.84 24.90
N GLU A 71 -3.37 2.89 25.70
CA GLU A 71 -3.34 3.07 27.14
C GLU A 71 -2.54 4.34 27.52
N LYS A 72 -1.35 4.50 26.96
CA LYS A 72 -0.47 5.66 27.19
C LYS A 72 -1.19 6.97 26.90
N VAL A 73 -1.93 7.00 25.79
CA VAL A 73 -2.68 8.18 25.44
C VAL A 73 -3.88 8.43 26.38
N LYS A 74 -4.60 7.35 26.73
CA LYS A 74 -5.68 7.46 27.71
C LYS A 74 -5.16 7.93 29.09
N LYS A 75 -4.02 7.40 29.54
CA LYS A 75 -3.40 7.84 30.81
C LYS A 75 -3.05 9.34 30.81
N SER A 76 -2.82 9.92 29.64
CA SER A 76 -2.48 11.33 29.53
C SER A 76 -3.65 12.29 29.86
N GLY A 77 -4.89 11.78 29.80
CA GLY A 77 -6.09 12.57 30.09
C GLY A 77 -6.43 13.55 28.98
N SER A 78 -6.58 14.82 29.36
CA SER A 78 -7.15 15.85 28.50
C SER A 78 -6.15 16.59 27.64
N ARG A 79 -4.85 16.33 27.85
CA ARG A 79 -3.76 16.90 27.08
C ARG A 79 -2.75 15.77 26.74
N VAL A 80 -2.17 15.85 25.54
CA VAL A 80 -1.19 14.85 25.08
C VAL A 80 -0.16 15.52 24.13
N MET A 81 1.09 15.10 24.25
CA MET A 81 2.14 15.51 23.30
C MET A 81 2.68 14.31 22.50
N PHE A 82 2.79 14.49 21.19
CA PHE A 82 3.34 13.50 20.29
C PHE A 82 4.59 14.03 19.60
N LEU A 83 5.58 13.14 19.40
CA LEU A 83 6.66 13.33 18.45
C LEU A 83 6.34 12.43 17.27
N LEU A 84 6.21 13.03 16.09
CA LEU A 84 5.63 12.38 14.92
C LEU A 84 6.59 12.53 13.75
N VAL A 85 6.68 11.51 12.92
CA VAL A 85 7.34 11.65 11.60
C VAL A 85 6.31 11.30 10.53
N ASP A 86 6.38 11.93 9.34
CA ASP A 86 5.40 11.64 8.29
C ASP A 86 5.50 10.27 7.60
N LYS A 87 4.47 9.97 6.81
CA LYS A 87 4.36 8.72 6.03
C LYS A 87 5.63 8.41 5.23
N GLU A 88 6.27 9.44 4.69
CA GLU A 88 7.42 9.19 3.84
C GLU A 88 8.68 8.84 4.64
N ALA A 89 8.95 9.58 5.71
CA ALA A 89 10.01 9.20 6.64
C ALA A 89 9.78 7.75 7.18
N ALA A 90 8.55 7.38 7.50
CA ALA A 90 8.26 6.05 8.08
C ALA A 90 8.34 4.89 7.08
N GLY A 91 8.43 5.20 5.78
CA GLY A 91 8.58 4.17 4.78
C GLY A 91 10.01 3.69 4.66
N GLY A 92 10.20 2.61 3.89
CA GLY A 92 11.54 2.10 3.61
C GLY A 92 12.39 3.17 2.94
N GLY A 93 13.69 3.17 3.25
CA GLY A 93 14.66 4.04 2.58
C GLY A 93 14.68 3.93 1.06
N ILE A 94 15.07 5.04 0.42
CA ILE A 94 15.08 5.14 -1.04
C ILE A 94 16.45 5.63 -1.52
N LYS A 95 17.01 4.94 -2.49
CA LYS A 95 18.21 5.39 -3.15
C LYS A 95 17.83 5.80 -4.55
N ILE A 96 18.30 6.97 -4.95
CA ILE A 96 18.04 7.50 -6.26
C ILE A 96 19.34 8.00 -6.92
N THR A 97 19.60 7.53 -8.14
CA THR A 97 20.75 8.01 -8.94
C THR A 97 20.27 8.66 -10.23
N LYS A 98 20.65 9.93 -10.42
CA LYS A 98 20.32 10.73 -11.60
C LYS A 98 21.18 10.38 -12.83
N PHE A 99 20.51 10.25 -13.98
CA PHE A 99 21.14 9.94 -15.27
C PHE A 99 20.83 10.98 -16.31
N PRO B 6 5.46 -4.66 -22.59
CA PRO B 6 6.91 -4.39 -22.43
C PRO B 6 7.43 -3.46 -23.51
N ARG B 7 8.15 -2.43 -23.10
CA ARG B 7 8.74 -1.49 -24.03
C ARG B 7 10.27 -1.68 -24.07
N LEU B 8 10.78 -1.63 -25.28
CA LEU B 8 12.19 -1.52 -25.52
C LEU B 8 12.44 -0.04 -25.79
N CYS B 9 13.38 0.56 -25.06
CA CYS B 9 13.71 2.00 -25.20
C CYS B 9 15.21 2.18 -25.42
N TYR B 10 15.57 2.88 -26.50
CA TYR B 10 16.95 3.15 -26.88
C TYR B 10 17.24 4.64 -26.62
N LEU B 11 18.07 4.92 -25.64
CA LEU B 11 18.21 6.34 -25.22
C LEU B 11 19.55 6.82 -25.64
N VAL B 12 19.58 8.05 -26.16
CA VAL B 12 20.78 8.76 -26.54
C VAL B 12 20.89 10.00 -25.63
N LYS B 13 22.04 10.24 -25.00
CA LYS B 13 22.17 11.46 -24.15
C LYS B 13 21.95 12.76 -24.92
N GLU B 14 21.30 13.72 -24.26
CA GLU B 14 21.20 15.08 -24.74
C GLU B 14 21.69 16.00 -23.61
N GLY B 15 22.72 16.77 -23.89
CA GLY B 15 23.32 17.66 -22.89
C GLY B 15 23.84 16.91 -21.68
N GLY B 16 24.43 15.75 -21.90
CA GLY B 16 24.97 14.92 -20.84
C GLY B 16 23.97 14.15 -19.96
N SER B 17 22.67 14.24 -20.27
CA SER B 17 21.61 13.56 -19.50
C SER B 17 20.67 12.78 -20.39
N TYR B 18 20.20 11.66 -19.86
CA TYR B 18 19.08 10.86 -20.41
C TYR B 18 17.69 11.25 -19.91
N GLY B 19 17.62 12.13 -18.91
CA GLY B 19 16.31 12.59 -18.38
C GLY B 19 15.54 11.57 -17.55
N PHE B 20 16.27 10.68 -16.85
CA PHE B 20 15.68 9.70 -15.92
C PHE B 20 16.62 9.51 -14.74
N SER B 21 16.08 8.95 -13.67
CA SER B 21 16.85 8.56 -12.53
C SER B 21 16.46 7.13 -12.22
N LEU B 22 17.37 6.40 -11.59
CA LEU B 22 17.07 5.07 -11.07
C LEU B 22 16.77 5.12 -9.59
N LYS B 23 15.85 4.27 -9.16
CA LYS B 23 15.34 4.23 -7.80
C LYS B 23 15.27 2.77 -7.34
N THR B 24 15.70 2.54 -6.11
CA THR B 24 15.43 1.29 -5.40
C THR B 24 14.87 1.67 -4.06
N VAL B 25 14.06 0.76 -3.49
CA VAL B 25 13.40 0.94 -2.21
C VAL B 25 13.75 -0.27 -1.31
N GLN B 26 14.03 0.02 -0.03
CA GLN B 26 14.28 -1.00 0.99
C GLN B 26 13.04 -1.84 1.15
N GLY B 27 13.21 -3.15 1.03
CA GLY B 27 12.11 -4.09 1.17
C GLY B 27 11.48 -4.48 -0.15
N LYS B 28 11.77 -3.73 -1.22
CA LYS B 28 11.22 -4.01 -2.56
C LYS B 28 12.28 -4.49 -3.56
N LYS B 29 12.01 -5.62 -4.20
CA LYS B 29 12.91 -6.15 -5.24
C LYS B 29 12.74 -5.35 -6.52
N GLY B 30 13.87 -5.12 -7.21
CA GLY B 30 13.90 -4.40 -8.48
C GLY B 30 14.59 -3.04 -8.45
N VAL B 31 14.98 -2.61 -9.64
CA VAL B 31 15.37 -1.22 -9.92
C VAL B 31 14.28 -0.63 -10.82
N TYR B 32 13.90 0.62 -10.52
CA TYR B 32 12.78 1.34 -11.14
C TYR B 32 13.24 2.70 -11.70
N MET B 33 12.51 3.15 -12.72
CA MET B 33 12.67 4.51 -13.23
C MET B 33 11.95 5.51 -12.35
N THR B 34 12.55 6.69 -12.15
CA THR B 34 11.87 7.79 -11.50
C THR B 34 12.34 9.12 -12.06
N ASP B 35 11.64 10.19 -11.70
CA ASP B 35 12.16 11.54 -11.97
C ASP B 35 12.43 11.75 -13.48
N ILE B 36 11.40 11.47 -14.27
CA ILE B 36 11.47 11.52 -15.72
C ILE B 36 11.37 13.01 -16.10
N THR B 37 12.46 13.58 -16.58
CA THR B 37 12.52 15.01 -16.84
C THR B 37 11.54 15.30 -17.98
N PRO B 38 10.61 16.27 -17.77
CA PRO B 38 9.67 16.67 -18.80
C PRO B 38 10.36 17.08 -20.08
N GLN B 39 9.90 16.49 -21.18
CA GLN B 39 10.48 16.67 -22.52
C GLN B 39 11.96 16.22 -22.65
N GLY B 40 12.50 15.51 -21.69
CA GLY B 40 13.82 14.94 -21.87
C GLY B 40 13.83 13.70 -22.74
N VAL B 41 15.01 13.11 -22.86
CA VAL B 41 15.23 11.97 -23.70
C VAL B 41 14.32 10.76 -23.32
N ALA B 42 14.33 10.44 -22.04
CA ALA B 42 13.59 9.29 -21.55
C ALA B 42 12.09 9.50 -21.76
N MET B 43 11.58 10.66 -21.40
CA MET B 43 10.17 10.95 -21.66
C MET B 43 9.84 10.79 -23.15
N ARG B 44 10.71 11.31 -24.02
CA ARG B 44 10.47 11.21 -25.48
C ARG B 44 10.63 9.78 -26.05
N ALA B 45 11.39 8.90 -25.37
CA ALA B 45 11.52 7.48 -25.75
C ALA B 45 10.36 6.59 -25.20
N GLY B 46 9.47 7.17 -24.42
CA GLY B 46 8.33 6.48 -23.84
C GLY B 46 8.58 5.89 -22.45
N VAL B 47 9.66 6.29 -21.77
CA VAL B 47 9.91 5.82 -20.40
C VAL B 47 8.92 6.45 -19.41
N LEU B 48 8.47 5.67 -18.43
CA LEU B 48 7.46 6.11 -17.48
C LEU B 48 7.96 5.98 -16.02
N ALA B 49 7.53 6.90 -15.16
CA ALA B 49 7.79 6.79 -13.73
C ALA B 49 7.32 5.43 -13.22
N ASP B 50 8.16 4.85 -12.36
CA ASP B 50 7.95 3.53 -11.76
C ASP B 50 8.02 2.35 -12.71
N ASP B 51 8.50 2.57 -13.94
CA ASP B 51 8.83 1.46 -14.83
C ASP B 51 9.83 0.55 -14.11
N HIS B 52 9.60 -0.77 -14.17
CA HIS B 52 10.55 -1.74 -13.64
C HIS B 52 11.53 -2.09 -14.74
N LEU B 53 12.81 -1.92 -14.47
CA LEU B 53 13.87 -2.41 -15.38
C LEU B 53 13.98 -3.95 -15.38
N ILE B 54 13.80 -4.54 -16.56
CA ILE B 54 13.98 -5.96 -16.76
C ILE B 54 15.36 -6.28 -17.33
N GLU B 55 15.79 -5.51 -18.32
CA GLU B 55 17.11 -5.66 -18.94
C GLU B 55 17.73 -4.32 -19.22
N VAL B 56 19.06 -4.33 -19.25
CA VAL B 56 19.87 -3.19 -19.67
C VAL B 56 20.82 -3.76 -20.68
N ASN B 57 20.74 -3.25 -21.91
CA ASN B 57 21.59 -3.71 -22.98
C ASN B 57 21.56 -5.23 -23.09
N GLY B 58 20.35 -5.80 -23.00
CA GLY B 58 20.17 -7.22 -23.12
C GLY B 58 20.66 -8.10 -21.99
N GLU B 59 21.03 -7.53 -20.85
CA GLU B 59 21.32 -8.36 -19.68
C GLU B 59 20.19 -8.15 -18.71
N ASN B 60 19.65 -9.25 -18.19
CA ASN B 60 18.63 -9.19 -17.17
C ASN B 60 19.20 -8.54 -15.90
N VAL B 61 18.46 -7.60 -15.34
CA VAL B 61 18.85 -6.94 -14.08
C VAL B 61 17.75 -7.02 -13.00
N GLU B 62 16.90 -8.04 -13.10
CA GLU B 62 15.80 -8.21 -12.16
C GLU B 62 16.29 -8.54 -10.73
N ASP B 63 17.40 -9.28 -10.66
CA ASP B 63 17.99 -9.70 -9.39
C ASP B 63 19.18 -8.79 -9.00
N ALA B 64 19.44 -7.76 -9.81
CA ALA B 64 20.61 -6.89 -9.63
C ALA B 64 20.44 -5.78 -8.60
N SER B 65 21.55 -5.42 -7.97
CA SER B 65 21.61 -4.31 -7.02
C SER B 65 21.51 -2.93 -7.71
N HIS B 66 21.06 -1.93 -6.95
CA HIS B 66 21.04 -0.56 -7.41
C HIS B 66 22.35 -0.23 -8.11
N GLU B 67 23.45 -0.55 -7.43
CA GLU B 67 24.79 -0.10 -7.83
C GLU B 67 25.27 -0.88 -9.06
N GLU B 68 24.87 -2.15 -9.18
CA GLU B 68 25.19 -2.96 -10.37
C GLU B 68 24.54 -2.38 -11.60
N VAL B 69 23.28 -1.97 -11.46
CA VAL B 69 22.53 -1.42 -12.58
C VAL B 69 23.07 -0.04 -12.98
N VAL B 70 23.36 0.82 -12.01
CA VAL B 70 24.02 2.11 -12.25
C VAL B 70 25.30 1.95 -13.11
N GLU B 71 26.12 0.98 -12.77
CA GLU B 71 27.39 0.75 -13.47
C GLU B 71 27.13 0.27 -14.91
N LYS B 72 26.16 -0.61 -15.04
CA LYS B 72 25.80 -1.17 -16.33
C LYS B 72 25.34 -0.09 -17.31
N VAL B 73 24.60 0.92 -16.81
CA VAL B 73 24.13 2.04 -17.62
C VAL B 73 25.32 2.99 -17.92
N LYS B 74 26.17 3.22 -16.92
CA LYS B 74 27.35 4.08 -17.08
C LYS B 74 28.32 3.54 -18.13
N LYS B 75 28.47 2.23 -18.12
CA LYS B 75 29.38 1.53 -19.03
C LYS B 75 28.96 1.56 -20.50
N SER B 76 27.70 1.73 -20.86
CA SER B 76 27.47 1.85 -22.31
C SER B 76 27.61 3.26 -22.87
N GLY B 77 27.94 4.22 -22.02
CA GLY B 77 28.45 5.50 -22.51
C GLY B 77 27.32 6.44 -22.86
N SER B 78 27.25 6.87 -24.13
CA SER B 78 26.30 7.92 -24.52
C SER B 78 24.95 7.44 -25.08
N ARG B 79 24.82 6.12 -25.20
CA ARG B 79 23.61 5.43 -25.62
C ARG B 79 23.36 4.25 -24.69
N VAL B 80 22.09 3.91 -24.46
CA VAL B 80 21.72 2.79 -23.58
C VAL B 80 20.34 2.21 -24.00
N MET B 81 20.16 0.90 -23.88
CA MET B 81 18.87 0.28 -24.14
C MET B 81 18.33 -0.37 -22.89
N PHE B 82 17.05 -0.13 -22.66
CA PHE B 82 16.26 -0.71 -21.57
C PHE B 82 15.12 -1.59 -22.10
N LEU B 83 14.88 -2.72 -21.44
CA LEU B 83 13.60 -3.43 -21.50
C LEU B 83 12.86 -3.13 -20.20
N LEU B 84 11.65 -2.60 -20.36
CA LEU B 84 10.90 -1.97 -19.29
C LEU B 84 9.52 -2.52 -19.23
N VAL B 85 9.04 -2.76 -18.00
CA VAL B 85 7.62 -3.00 -17.78
C VAL B 85 7.02 -1.96 -16.83
N ASP B 86 5.80 -1.54 -17.14
CA ASP B 86 5.13 -0.49 -16.41
C ASP B 86 4.61 -0.97 -15.06
N LYS B 87 4.37 0.00 -14.16
CA LYS B 87 4.13 -0.29 -12.74
C LYS B 87 2.87 -1.14 -12.49
N LYS B 95 -5.45 -8.84 -6.61
CA LYS B 95 -5.35 -10.26 -6.31
C LYS B 95 -6.63 -10.97 -6.76
N ILE B 96 -6.47 -12.13 -7.39
CA ILE B 96 -7.59 -13.03 -7.67
C ILE B 96 -7.26 -14.42 -7.08
N THR B 97 -8.24 -15.01 -6.40
CA THR B 97 -8.08 -16.33 -5.78
C THR B 97 -9.23 -17.24 -6.22
N LYS B 98 -8.93 -18.41 -6.77
CA LYS B 98 -9.95 -19.27 -7.37
C LYS B 98 -10.47 -20.35 -6.41
N PHE B 99 -11.78 -20.55 -6.43
CA PHE B 99 -12.47 -21.40 -5.45
C PHE B 99 -13.33 -22.47 -6.14
N GLN C 5 -29.59 -4.21 -4.59
CA GLN C 5 -30.17 -4.82 -3.33
C GLN C 5 -29.61 -6.22 -3.02
N PRO C 6 -29.52 -6.57 -1.71
CA PRO C 6 -28.75 -7.74 -1.30
C PRO C 6 -29.41 -9.10 -1.55
N ARG C 7 -28.60 -10.08 -1.96
CA ARG C 7 -29.05 -11.46 -2.12
C ARG C 7 -28.25 -12.39 -1.24
N LEU C 8 -28.94 -13.39 -0.68
CA LEU C 8 -28.33 -14.53 0.01
C LEU C 8 -28.07 -15.66 -0.99
N CYS C 9 -26.83 -16.13 -1.03
CA CYS C 9 -26.43 -17.20 -1.94
C CYS C 9 -25.77 -18.33 -1.14
N TYR C 10 -26.28 -19.53 -1.30
CA TYR C 10 -25.78 -20.69 -0.59
C TYR C 10 -25.17 -21.62 -1.62
N LEU C 11 -23.85 -21.87 -1.52
CA LEU C 11 -23.13 -22.67 -2.52
C LEU C 11 -22.68 -24.01 -1.94
N VAL C 12 -22.89 -25.07 -2.70
CA VAL C 12 -22.40 -26.41 -2.36
C VAL C 12 -21.40 -26.81 -3.45
N LYS C 13 -20.17 -27.15 -3.07
CA LYS C 13 -19.13 -27.48 -4.06
C LYS C 13 -19.62 -28.50 -5.09
N GLY C 16 -14.89 -30.87 -7.53
CA GLY C 16 -15.13 -30.26 -6.21
C GLY C 16 -14.74 -28.78 -6.13
N SER C 17 -15.44 -27.96 -6.90
CA SER C 17 -15.18 -26.52 -7.00
C SER C 17 -16.48 -25.72 -6.94
N TYR C 18 -16.36 -24.44 -6.55
CA TYR C 18 -17.49 -23.48 -6.47
C TYR C 18 -17.79 -22.69 -7.76
N GLY C 19 -16.78 -22.49 -8.59
CA GLY C 19 -16.98 -21.84 -9.88
C GLY C 19 -17.11 -20.34 -9.75
N PHE C 20 -16.24 -19.76 -8.91
CA PHE C 20 -16.09 -18.29 -8.76
C PHE C 20 -14.70 -18.03 -8.24
N SER C 21 -14.27 -16.77 -8.31
CA SER C 21 -12.96 -16.34 -7.79
C SER C 21 -13.16 -15.05 -7.00
N LEU C 22 -12.31 -14.82 -6.01
CA LEU C 22 -12.40 -13.60 -5.21
C LEU C 22 -11.36 -12.62 -5.74
N LYS C 23 -11.76 -11.36 -5.89
CA LYS C 23 -10.92 -10.32 -6.48
C LYS C 23 -10.90 -9.03 -5.62
N THR C 24 -9.70 -8.54 -5.29
CA THR C 24 -9.52 -7.19 -4.72
C THR C 24 -8.53 -6.42 -5.61
N VAL C 31 -14.09 -6.86 -1.05
CA VAL C 31 -13.79 -7.98 -1.92
C VAL C 31 -14.96 -8.29 -2.84
N TYR C 32 -14.65 -8.82 -4.02
CA TYR C 32 -15.58 -8.87 -5.14
C TYR C 32 -15.53 -10.24 -5.78
N MET C 33 -16.67 -10.67 -6.32
CA MET C 33 -16.74 -11.87 -7.16
C MET C 33 -16.19 -11.58 -8.56
N THR C 34 -15.61 -12.62 -9.15
CA THR C 34 -15.12 -12.58 -10.54
C THR C 34 -14.86 -14.02 -11.03
N ASP C 35 -14.67 -14.20 -12.34
CA ASP C 35 -14.47 -15.54 -12.94
C ASP C 35 -15.61 -16.51 -12.58
N ILE C 36 -16.86 -16.06 -12.73
CA ILE C 36 -18.03 -16.90 -12.48
C ILE C 36 -18.18 -17.85 -13.66
N THR C 37 -17.82 -19.11 -13.40
CA THR C 37 -17.71 -20.13 -14.42
C THR C 37 -19.10 -20.43 -14.99
N PRO C 38 -19.24 -20.43 -16.34
CA PRO C 38 -20.51 -20.73 -17.03
C PRO C 38 -21.27 -21.93 -16.47
N GLN C 39 -22.52 -21.69 -16.05
CA GLN C 39 -23.45 -22.75 -15.66
C GLN C 39 -22.97 -23.54 -14.42
N GLY C 40 -22.02 -22.98 -13.67
CA GLY C 40 -21.48 -23.65 -12.47
C GLY C 40 -22.30 -23.41 -11.23
N VAL C 41 -21.78 -23.82 -10.07
CA VAL C 41 -22.54 -23.68 -8.81
C VAL C 41 -22.83 -22.24 -8.40
N ALA C 42 -21.82 -21.37 -8.46
CA ALA C 42 -22.00 -19.96 -8.07
C ALA C 42 -22.96 -19.24 -9.02
N MET C 43 -22.80 -19.46 -10.32
CA MET C 43 -23.70 -18.89 -11.32
C MET C 43 -25.14 -19.31 -11.06
N ARG C 44 -25.35 -20.58 -10.72
CA ARG C 44 -26.70 -21.11 -10.44
C ARG C 44 -27.12 -21.01 -8.97
N ALA C 45 -26.24 -20.51 -8.11
CA ALA C 45 -26.59 -20.09 -6.74
C ALA C 45 -27.19 -18.68 -6.74
N GLY C 46 -26.97 -17.97 -7.85
CA GLY C 46 -27.42 -16.57 -8.02
C GLY C 46 -26.29 -15.56 -8.10
N VAL C 47 -25.03 -16.04 -8.08
CA VAL C 47 -23.87 -15.15 -8.03
C VAL C 47 -23.64 -14.52 -9.38
N LEU C 48 -23.43 -13.20 -9.39
CA LEU C 48 -23.18 -12.43 -10.63
C LEU C 48 -21.79 -11.78 -10.59
N ALA C 49 -21.20 -11.61 -11.78
CA ALA C 49 -19.88 -10.98 -11.92
C ALA C 49 -19.81 -9.64 -11.17
N ASP C 50 -18.74 -9.45 -10.40
CA ASP C 50 -18.48 -8.20 -9.67
C ASP C 50 -19.41 -7.95 -8.45
N ASP C 51 -20.08 -8.98 -7.96
CA ASP C 51 -20.84 -8.82 -6.73
C ASP C 51 -19.88 -8.38 -5.61
N HIS C 52 -20.36 -7.50 -4.75
CA HIS C 52 -19.61 -7.05 -3.58
C HIS C 52 -20.01 -7.94 -2.41
N LEU C 53 -19.00 -8.56 -1.78
CA LEU C 53 -19.25 -9.41 -0.62
C LEU C 53 -19.49 -8.55 0.61
N ILE C 54 -20.70 -8.67 1.16
CA ILE C 54 -21.07 -7.94 2.36
C ILE C 54 -20.82 -8.84 3.55
N GLU C 55 -21.27 -10.10 3.45
CA GLU C 55 -21.03 -11.08 4.49
C GLU C 55 -20.60 -12.44 3.94
N VAL C 56 -19.83 -13.16 4.74
CA VAL C 56 -19.60 -14.58 4.53
C VAL C 56 -20.06 -15.26 5.79
N ASN C 57 -20.96 -16.23 5.65
CA ASN C 57 -21.50 -17.00 6.78
C ASN C 57 -21.89 -16.08 7.97
N GLY C 58 -22.63 -15.00 7.67
CA GLY C 58 -23.16 -14.10 8.68
C GLY C 58 -22.22 -13.03 9.21
N GLU C 59 -20.95 -13.08 8.81
CA GLU C 59 -19.95 -12.17 9.32
C GLU C 59 -19.62 -11.17 8.25
N ASN C 60 -19.69 -9.90 8.63
CA ASN C 60 -19.43 -8.80 7.73
C ASN C 60 -17.96 -8.82 7.31
N VAL C 61 -17.73 -8.67 6.01
CA VAL C 61 -16.38 -8.63 5.43
C VAL C 61 -16.19 -7.37 4.56
N GLU C 62 -16.99 -6.34 4.79
CA GLU C 62 -16.90 -5.07 4.01
C GLU C 62 -15.59 -4.34 4.17
N ASP C 63 -15.02 -4.46 5.36
CA ASP C 63 -13.72 -3.88 5.67
C ASP C 63 -12.66 -4.98 5.69
N ALA C 64 -13.01 -6.22 5.32
CA ALA C 64 -12.03 -7.33 5.34
C ALA C 64 -10.98 -7.26 4.21
N SER C 65 -9.79 -7.81 4.45
CA SER C 65 -8.73 -7.88 3.44
C SER C 65 -8.99 -9.09 2.55
N HIS C 66 -8.15 -9.28 1.54
CA HIS C 66 -8.25 -10.41 0.62
C HIS C 66 -7.99 -11.74 1.35
N GLU C 67 -6.87 -11.78 2.08
CA GLU C 67 -6.45 -12.96 2.85
C GLU C 67 -7.52 -13.35 3.87
N GLU C 68 -8.01 -12.37 4.64
CA GLU C 68 -9.03 -12.61 5.67
C GLU C 68 -10.28 -13.27 5.06
N VAL C 69 -10.80 -12.70 3.96
CA VAL C 69 -11.96 -13.25 3.29
C VAL C 69 -11.68 -14.62 2.64
N VAL C 70 -10.46 -14.85 2.16
CA VAL C 70 -10.09 -16.14 1.59
C VAL C 70 -10.15 -17.23 2.66
N GLU C 71 -9.52 -16.98 3.81
CA GLU C 71 -9.50 -17.99 4.89
C GLU C 71 -10.89 -18.30 5.45
N LYS C 72 -11.76 -17.29 5.52
CA LYS C 72 -13.15 -17.47 5.95
C LYS C 72 -13.91 -18.46 5.05
N VAL C 73 -13.72 -18.33 3.73
CA VAL C 73 -14.36 -19.24 2.76
C VAL C 73 -13.74 -20.64 2.80
N LYS C 74 -12.42 -20.72 2.85
CA LYS C 74 -11.77 -22.03 3.00
C LYS C 74 -12.24 -22.69 4.31
N LYS C 75 -12.46 -21.89 5.35
CA LYS C 75 -12.85 -22.41 6.68
C LYS C 75 -14.23 -23.06 6.75
N SER C 76 -15.15 -22.64 5.89
CA SER C 76 -16.47 -23.27 5.88
C SER C 76 -16.54 -24.45 4.90
N GLY C 77 -15.46 -24.68 4.17
CA GLY C 77 -15.28 -25.90 3.40
C GLY C 77 -16.19 -26.10 2.22
N SER C 78 -16.92 -27.22 2.25
CA SER C 78 -17.73 -27.68 1.12
C SER C 78 -19.05 -26.92 0.93
N ARG C 79 -19.43 -26.11 1.92
CA ARG C 79 -20.63 -25.28 1.86
C ARG C 79 -20.30 -23.86 2.33
N VAL C 80 -20.89 -22.85 1.68
CA VAL C 80 -20.68 -21.44 2.06
C VAL C 80 -21.87 -20.55 1.70
N MET C 81 -22.12 -19.56 2.56
CA MET C 81 -23.17 -18.58 2.31
C MET C 81 -22.61 -17.19 2.18
N PHE C 82 -23.11 -16.46 1.18
CA PHE C 82 -22.69 -15.08 0.95
C PHE C 82 -23.91 -14.16 1.00
N LEU C 83 -23.71 -12.97 1.55
CA LEU C 83 -24.61 -11.84 1.29
C LEU C 83 -23.88 -10.92 0.31
N LEU C 84 -24.50 -10.73 -0.85
CA LEU C 84 -23.90 -10.06 -1.99
C LEU C 84 -24.77 -8.89 -2.40
N VAL C 85 -24.15 -7.84 -2.91
CA VAL C 85 -24.85 -6.74 -3.59
C VAL C 85 -24.26 -6.57 -4.99
N ASP C 86 -25.12 -6.61 -6.01
CA ASP C 86 -24.70 -6.51 -7.44
C ASP C 86 -23.77 -5.33 -7.72
N ILE C 94 -5.60 -5.42 11.31
CA ILE C 94 -5.67 -3.97 11.45
C ILE C 94 -6.57 -3.49 12.59
N LYS C 95 -6.00 -2.65 13.45
CA LYS C 95 -6.68 -2.11 14.60
C LYS C 95 -6.81 -0.60 14.38
N ILE C 96 -7.97 -0.06 14.69
CA ILE C 96 -8.20 1.41 14.64
C ILE C 96 -8.96 1.80 15.93
N THR C 97 -8.46 2.80 16.64
CA THR C 97 -9.15 3.34 17.81
C THR C 97 -9.29 4.83 17.64
N LYS C 98 -10.51 5.33 17.88
CA LYS C 98 -10.83 6.73 17.69
C LYS C 98 -10.63 7.51 18.99
N PHE C 99 -9.95 8.65 18.90
CA PHE C 99 -9.72 9.53 20.08
C PHE C 99 -10.42 10.89 19.99
#